data_2QEP
#
_entry.id   2QEP
#
_cell.length_a   131.541
_cell.length_b   136.555
_cell.length_c   35.752
_cell.angle_alpha   90.00
_cell.angle_beta   90.00
_cell.angle_gamma   90.00
#
_symmetry.space_group_name_H-M   'P 21 21 2'
#
loop_
_entity.id
_entity.type
_entity.pdbx_description
1 polymer 'Receptor-type tyrosine-protein phosphatase N2'
2 non-polymer 'CHLORIDE ION'
3 water water
#
_entity_poly.entity_id   1
_entity_poly.type   'polypeptide(L)'
_entity_poly.pdbx_seq_one_letter_code
;MSEEPVQSNMDISTGHMILSYMEDHLKNKNRLEKEWEALCAYQAEPNSSFVAQREENVPKNRSLAVLTYDHSRVLLKAEN
SHSHSDYINASPIMDHDPRNPAYIATQGPLPATVADFWQMVWESGCVVIVMLTPLAENGVRQCYHYWPDEGSNLYHIYEV
NLVSEHIWCEDFLVRSFYLKNLQTNETRTVTQFHFLSWYDRGVPSSSRSLLDFRRKVNKCYRGRSCPIIVHCSDGAGRSG
TYVLIDMVLNKMAKGAKEIDIAATLEHLRDQRPGMVQTKEQFEFALTAVAEEVNAILAHHHHHH
;
_entity_poly.pdbx_strand_id   A,B
#
# COMPACT_ATOMS: atom_id res chain seq x y z
N ASP A 11 -24.40 19.05 -13.21
CA ASP A 11 -23.23 18.31 -12.63
C ASP A 11 -21.90 18.77 -13.25
N ILE A 12 -21.59 18.34 -14.47
CA ILE A 12 -20.47 18.93 -15.22
C ILE A 12 -20.67 20.43 -15.23
N SER A 13 -21.89 20.84 -15.54
CA SER A 13 -22.36 22.20 -15.26
C SER A 13 -21.81 22.74 -13.93
N THR A 14 -22.11 22.07 -12.81
CA THR A 14 -21.63 22.50 -11.48
C THR A 14 -20.10 22.39 -11.33
N GLY A 15 -19.49 21.54 -12.15
CA GLY A 15 -18.04 21.42 -12.17
C GLY A 15 -17.43 22.73 -12.65
N HIS A 16 -17.90 23.20 -13.80
CA HIS A 16 -17.46 24.48 -14.31
C HIS A 16 -17.81 25.62 -13.34
N MET A 17 -18.90 25.47 -12.59
CA MET A 17 -19.25 26.48 -11.58
C MET A 17 -18.23 26.49 -10.44
N ILE A 18 -17.77 25.30 -10.03
CA ILE A 18 -16.74 25.20 -9.00
C ILE A 18 -15.44 25.79 -9.55
N LEU A 19 -15.05 25.42 -10.76
CA LEU A 19 -13.83 25.99 -11.36
C LEU A 19 -13.89 27.51 -11.38
N SER A 20 -15.02 28.07 -11.76
CA SER A 20 -15.17 29.53 -11.74
C SER A 20 -14.90 30.06 -10.35
N TYR A 21 -15.50 29.42 -9.35
CA TYR A 21 -15.29 29.81 -7.96
C TYR A 21 -13.81 29.73 -7.56
N MET A 22 -13.15 28.63 -7.95
CA MET A 22 -11.73 28.44 -7.63
C MET A 22 -10.86 29.55 -8.19
N GLU A 23 -11.13 29.97 -9.42
CA GLU A 23 -10.41 31.10 -10.00
C GLU A 23 -10.49 32.34 -9.12
N ASP A 24 -11.68 32.65 -8.60
CA ASP A 24 -11.85 33.82 -7.73
C ASP A 24 -11.44 33.60 -6.26
N HIS A 25 -11.36 32.36 -5.79
CA HIS A 25 -11.07 32.13 -4.35
C HIS A 25 -9.84 31.28 -4.04
N LEU A 26 -9.36 30.47 -4.99
CA LEU A 26 -8.10 29.75 -4.83
C LEU A 26 -6.96 30.44 -5.58
N LYS A 27 -7.17 30.76 -6.86
CA LYS A 27 -6.09 31.36 -7.66
C LYS A 27 -5.74 32.76 -7.18
N ASN A 28 -6.76 33.60 -6.95
CA ASN A 28 -6.57 34.95 -6.40
C ASN A 28 -6.16 34.83 -4.94
N LYS A 29 -4.87 34.99 -4.69
CA LYS A 29 -4.31 34.80 -3.36
C LYS A 29 -4.84 35.85 -2.42
N ASN A 30 -5.16 37.04 -2.96
CA ASN A 30 -5.69 38.12 -2.15
C ASN A 30 -7.02 37.71 -1.52
N ARG A 31 -7.90 37.14 -2.35
CA ARG A 31 -9.21 36.67 -1.88
C ARG A 31 -9.08 35.48 -0.90
N LEU A 32 -8.12 34.58 -1.16
CA LEU A 32 -7.80 33.52 -0.20
C LEU A 32 -7.58 34.15 1.17
N GLU A 33 -6.57 35.04 1.26
CA GLU A 33 -6.19 35.67 2.54
C GLU A 33 -7.43 36.28 3.15
N LYS A 34 -8.10 37.13 2.37
CA LYS A 34 -9.19 37.94 2.87
C LYS A 34 -10.20 37.01 3.48
N GLU A 35 -10.58 35.99 2.72
CA GLU A 35 -11.57 35.04 3.20
C GLU A 35 -11.11 34.36 4.48
N TRP A 36 -9.85 33.91 4.50
CA TRP A 36 -9.35 33.22 5.70
C TRP A 36 -9.34 34.16 6.91
N GLU A 37 -9.00 35.43 6.67
CA GLU A 37 -9.08 36.46 7.71
C GLU A 37 -10.52 36.60 8.21
N ALA A 38 -11.46 36.71 7.26
CA ALA A 38 -12.89 36.64 7.58
C ALA A 38 -13.20 35.42 8.44
N LEU A 39 -12.69 34.28 8.00
CA LEU A 39 -12.98 33.03 8.68
C LEU A 39 -12.42 33.01 10.09
N CYS A 40 -11.18 33.46 10.27
CA CYS A 40 -10.56 33.45 11.61
C CYS A 40 -11.38 34.22 12.64
N ALA A 41 -11.88 35.38 12.25
CA ALA A 41 -12.71 36.20 13.13
C ALA A 41 -14.14 35.62 13.30
N TYR A 42 -14.62 34.82 12.34
CA TYR A 42 -15.99 34.28 12.36
C TYR A 42 -16.34 33.70 13.70
N GLN A 43 -17.50 34.08 14.24
CA GLN A 43 -17.95 33.61 15.56
C GLN A 43 -19.35 32.96 15.48
N ALA A 44 -19.40 31.66 15.72
CA ALA A 44 -20.65 30.93 15.76
C ALA A 44 -21.55 31.47 16.88
N GLU A 45 -22.86 31.38 16.66
CA GLU A 45 -23.86 31.68 17.67
C GLU A 45 -25.01 30.68 17.54
N PRO A 46 -25.24 29.83 18.57
CA PRO A 46 -24.56 29.88 19.88
C PRO A 46 -23.18 29.25 19.78
N ASN A 47 -22.38 29.38 20.83
CA ASN A 47 -21.08 28.73 20.85
C ASN A 47 -20.62 28.32 22.25
N SER A 48 -21.54 28.25 23.20
CA SER A 48 -21.22 27.80 24.54
C SER A 48 -20.79 26.35 24.53
N SER A 49 -19.80 26.02 25.35
CA SER A 49 -19.46 24.64 25.59
C SER A 49 -19.30 24.46 27.09
N PHE A 50 -20.29 24.88 27.86
CA PHE A 50 -20.23 24.76 29.33
C PHE A 50 -20.08 23.32 29.81
N VAL A 51 -20.81 22.38 29.22
CA VAL A 51 -20.76 20.99 29.63
C VAL A 51 -19.35 20.47 29.44
N ALA A 52 -18.80 20.65 28.24
CA ALA A 52 -17.45 20.20 27.94
C ALA A 52 -16.42 20.77 28.91
N GLN A 53 -16.66 21.95 29.44
CA GLN A 53 -15.72 22.65 30.31
C GLN A 53 -15.92 22.35 31.79
N ARG A 54 -16.81 21.43 32.10
CA ARG A 54 -16.95 21.03 33.50
C ARG A 54 -15.66 20.39 34.02
N GLU A 55 -15.49 20.48 35.34
CA GLU A 55 -14.34 19.88 36.01
C GLU A 55 -14.30 18.39 35.66
N GLU A 56 -15.48 17.79 35.74
CA GLU A 56 -15.65 16.35 35.63
C GLU A 56 -15.31 15.84 34.23
N ASN A 57 -15.47 16.68 33.22
CA ASN A 57 -15.21 16.25 31.86
C ASN A 57 -13.83 16.68 31.34
N VAL A 58 -13.07 17.42 32.16
CA VAL A 58 -11.71 17.90 31.77
C VAL A 58 -10.82 16.79 31.21
N PRO A 59 -10.63 15.71 31.98
CA PRO A 59 -9.85 14.61 31.43
C PRO A 59 -10.44 13.87 30.21
N LYS A 60 -11.68 14.17 29.80
CA LYS A 60 -12.30 13.48 28.64
C LYS A 60 -12.04 14.25 27.37
N ASN A 61 -11.33 15.36 27.54
CA ASN A 61 -10.95 16.26 26.47
C ASN A 61 -9.46 16.22 26.26
N ARG A 62 -9.06 15.97 25.02
CA ARG A 62 -7.66 15.97 24.63
C ARG A 62 -7.13 17.42 24.60
N SER A 63 -7.83 18.24 23.81
CA SER A 63 -7.38 19.58 23.44
C SER A 63 -8.34 20.65 23.97
N LEU A 64 -7.85 21.46 24.91
CA LEU A 64 -8.58 22.61 25.47
C LEU A 64 -8.98 23.64 24.40
N ALA A 65 -8.29 23.60 23.25
CA ALA A 65 -8.57 24.50 22.10
C ALA A 65 -9.80 24.11 21.27
N VAL A 66 -10.33 22.88 21.44
CA VAL A 66 -11.42 22.37 20.60
C VAL A 66 -12.41 21.53 21.40
N LEU A 67 -13.35 22.22 22.03
CA LEU A 67 -14.34 21.60 22.92
C LEU A 67 -15.73 21.73 22.32
N THR A 68 -16.43 20.59 22.26
CA THR A 68 -17.76 20.48 21.66
C THR A 68 -18.77 21.49 22.23
N TYR A 69 -19.51 22.15 21.35
CA TYR A 69 -20.54 23.13 21.73
C TYR A 69 -21.66 22.43 22.43
N ASP A 70 -22.31 23.09 23.38
CA ASP A 70 -23.44 22.46 24.08
C ASP A 70 -24.57 22.17 23.09
N HIS A 71 -24.70 23.01 22.08
CA HIS A 71 -25.84 22.91 21.14
C HIS A 71 -25.68 21.80 20.06
N SER A 72 -24.48 21.25 19.95
CA SER A 72 -24.12 20.30 18.91
C SER A 72 -23.12 19.27 19.45
N ARG A 73 -23.54 18.47 20.44
CA ARG A 73 -22.71 17.36 20.95
C ARG A 73 -23.46 16.00 20.94
N VAL A 74 -22.73 14.92 20.72
CA VAL A 74 -23.31 13.58 20.83
C VAL A 74 -23.59 13.30 22.32
N LEU A 75 -24.75 12.76 22.59
CA LEU A 75 -25.13 12.41 23.95
C LEU A 75 -25.08 10.90 24.05
N LEU A 76 -24.13 10.42 24.83
CA LEU A 76 -24.10 9.02 25.23
C LEU A 76 -25.28 8.76 26.17
N LYS A 77 -25.84 7.57 26.06
CA LYS A 77 -26.91 7.14 26.95
C LYS A 77 -26.24 6.88 28.26
N ALA A 78 -26.50 7.74 29.25
CA ALA A 78 -25.90 7.63 30.58
C ALA A 78 -26.14 6.24 31.23
N GLU A 79 -27.30 5.64 30.93
CA GLU A 79 -27.67 4.32 31.45
C GLU A 79 -26.70 3.20 31.04
N ASN A 80 -26.12 3.30 29.84
CA ASN A 80 -25.14 2.31 29.38
C ASN A 80 -23.70 2.77 29.51
N SER A 81 -23.48 4.03 29.85
CA SER A 81 -22.15 4.59 29.97
C SER A 81 -21.22 3.89 30.98
N HIS A 82 -19.96 3.83 30.60
CA HIS A 82 -18.89 3.39 31.46
C HIS A 82 -18.73 4.28 32.72
N SER A 83 -18.70 5.60 32.54
CA SER A 83 -18.55 6.53 33.67
C SER A 83 -19.88 7.14 34.17
N HIS A 84 -21.01 6.54 33.75
CA HIS A 84 -22.34 7.07 34.07
C HIS A 84 -22.47 8.54 33.70
N SER A 85 -22.00 8.89 32.50
CA SER A 85 -22.06 10.27 32.03
C SER A 85 -22.40 10.32 30.57
N ASP A 86 -23.15 11.34 30.15
CA ASP A 86 -23.46 11.52 28.71
C ASP A 86 -22.36 12.20 27.88
N TYR A 87 -21.32 12.74 28.51
CA TYR A 87 -20.35 13.57 27.81
C TYR A 87 -19.31 12.83 26.99
N ILE A 88 -19.23 13.17 25.71
CA ILE A 88 -18.07 12.85 24.86
C ILE A 88 -17.77 14.06 23.99
N ASN A 89 -16.50 14.30 23.78
CA ASN A 89 -16.08 15.35 22.88
C ASN A 89 -16.28 14.90 21.41
N ALA A 90 -17.54 14.87 21.00
CA ALA A 90 -17.87 14.62 19.62
C ALA A 90 -19.05 15.49 19.23
N SER A 91 -19.03 15.97 18.00
CA SER A 91 -20.00 16.91 17.50
C SER A 91 -20.73 16.31 16.27
N PRO A 92 -22.05 16.10 16.34
CA PRO A 92 -22.69 15.70 15.10
C PRO A 92 -22.53 16.79 14.05
N ILE A 93 -22.45 16.45 12.77
CA ILE A 93 -22.31 17.45 11.70
C ILE A 93 -23.35 17.20 10.62
N MET A 94 -24.36 18.07 10.51
CA MET A 94 -25.47 17.89 9.57
C MET A 94 -25.08 18.44 8.18
N ASP A 95 -25.62 17.82 7.14
CA ASP A 95 -25.45 18.36 5.79
C ASP A 95 -26.79 18.82 5.28
N HIS A 96 -27.51 17.92 4.62
CA HIS A 96 -28.86 18.19 4.19
C HIS A 96 -29.78 18.19 5.41
N ASP A 97 -29.83 17.05 6.09
CA ASP A 97 -30.91 16.70 6.98
C ASP A 97 -30.61 17.00 8.46
N PRO A 98 -31.40 17.89 9.09
CA PRO A 98 -31.26 18.18 10.53
C PRO A 98 -31.63 17.04 11.48
N ARG A 99 -32.20 15.96 10.93
CA ARG A 99 -32.52 14.77 11.73
C ARG A 99 -31.30 13.85 11.78
N ASN A 100 -30.68 13.64 10.63
CA ASN A 100 -29.65 12.62 10.45
C ASN A 100 -28.37 13.32 10.07
N PRO A 101 -27.42 13.43 11.02
CA PRO A 101 -26.16 14.08 10.70
C PRO A 101 -25.32 13.22 9.77
N ALA A 102 -24.70 13.82 8.76
CA ALA A 102 -23.86 13.10 7.81
C ALA A 102 -22.57 12.57 8.45
N TYR A 103 -21.99 13.33 9.38
CA TYR A 103 -20.82 12.88 10.13
C TYR A 103 -20.93 13.14 11.64
N ILE A 104 -20.10 12.43 12.42
CA ILE A 104 -19.71 12.84 13.75
C ILE A 104 -18.20 13.08 13.72
N ALA A 105 -17.78 14.33 13.91
CA ALA A 105 -16.36 14.66 14.12
C ALA A 105 -16.07 14.55 15.60
N THR A 106 -14.97 13.88 15.93
CA THR A 106 -14.59 13.68 17.30
C THR A 106 -13.08 13.69 17.47
N GLN A 107 -12.58 13.94 18.68
CA GLN A 107 -11.12 13.89 18.93
C GLN A 107 -10.61 12.46 18.76
N GLY A 108 -9.28 12.27 18.74
CA GLY A 108 -8.71 10.93 18.95
C GLY A 108 -9.06 10.42 20.36
N PRO A 109 -9.70 9.25 20.49
CA PRO A 109 -10.08 8.85 21.84
C PRO A 109 -8.87 8.72 22.72
N LEU A 110 -8.99 9.10 23.99
CA LEU A 110 -7.90 8.94 24.96
C LEU A 110 -8.05 7.61 25.65
N PRO A 111 -7.00 7.12 26.30
CA PRO A 111 -7.14 5.97 27.20
C PRO A 111 -8.38 6.07 28.11
N ALA A 112 -8.60 7.24 28.71
CA ALA A 112 -9.76 7.46 29.59
C ALA A 112 -11.10 7.35 28.86
N THR A 113 -11.13 7.44 27.53
CA THR A 113 -12.40 7.57 26.82
C THR A 113 -12.71 6.50 25.75
N VAL A 114 -11.99 5.39 25.75
CA VAL A 114 -12.08 4.44 24.66
C VAL A 114 -13.43 3.74 24.72
N ALA A 115 -13.81 3.29 25.92
CA ALA A 115 -15.15 2.71 26.14
C ALA A 115 -16.19 3.66 25.58
N ASP A 116 -15.96 4.94 25.82
CA ASP A 116 -16.89 5.98 25.38
C ASP A 116 -16.95 6.09 23.88
N PHE A 117 -15.78 6.10 23.25
CA PHE A 117 -15.73 6.14 21.81
C PHE A 117 -16.56 5.00 21.18
N TRP A 118 -16.44 3.79 21.72
CA TRP A 118 -17.17 2.64 21.16
C TRP A 118 -18.67 2.70 21.44
N GLN A 119 -19.03 3.21 22.63
CA GLN A 119 -20.43 3.45 22.93
C GLN A 119 -21.04 4.36 21.87
N MET A 120 -20.33 5.42 21.49
CA MET A 120 -20.81 6.34 20.46
C MET A 120 -20.89 5.65 19.12
N VAL A 121 -19.94 4.75 18.83
CA VAL A 121 -20.00 4.03 17.57
C VAL A 121 -21.20 3.08 17.56
N TRP A 122 -21.48 2.44 18.69
CA TRP A 122 -22.58 1.51 18.77
C TRP A 122 -23.92 2.22 18.65
N GLU A 123 -24.10 3.27 19.45
CA GLU A 123 -25.40 3.91 19.58
C GLU A 123 -25.69 4.81 18.38
N SER A 124 -24.65 5.27 17.70
CA SER A 124 -24.86 6.05 16.46
C SER A 124 -25.20 5.18 15.28
N GLY A 125 -25.02 3.86 15.42
CA GLY A 125 -25.27 2.92 14.31
C GLY A 125 -24.18 3.01 13.23
N CYS A 126 -23.10 3.73 13.57
CA CYS A 126 -21.99 3.96 12.69
C CYS A 126 -21.31 2.67 12.32
N VAL A 127 -20.90 2.58 11.06
CA VAL A 127 -20.21 1.38 10.56
C VAL A 127 -19.06 1.69 9.62
N VAL A 128 -18.82 2.99 9.40
CA VAL A 128 -17.66 3.48 8.70
C VAL A 128 -17.00 4.52 9.58
N ILE A 129 -15.74 4.28 9.98
CA ILE A 129 -14.91 5.29 10.66
C ILE A 129 -13.83 5.77 9.71
N VAL A 130 -13.53 7.06 9.78
CA VAL A 130 -12.41 7.63 9.05
C VAL A 130 -11.39 8.21 10.04
N MET A 131 -10.16 7.69 10.00
CA MET A 131 -9.10 8.12 10.92
C MET A 131 -8.04 8.78 10.05
N LEU A 132 -7.73 10.05 10.37
CA LEU A 132 -6.82 10.88 9.57
C LEU A 132 -5.52 11.29 10.30
N THR A 133 -5.13 10.52 11.31
CA THR A 133 -3.86 10.75 11.97
C THR A 133 -3.13 9.43 12.13
N PRO A 134 -1.78 9.44 12.16
CA PRO A 134 -1.09 8.28 12.73
C PRO A 134 -1.27 8.36 14.24
N LEU A 135 -0.84 7.33 14.97
CA LEU A 135 -1.04 7.30 16.43
C LEU A 135 0.03 8.17 17.13
N ALA A 136 1.21 8.24 16.52
CA ALA A 136 2.33 9.04 17.03
C ALA A 136 3.01 9.79 15.87
N GLU A 137 3.62 10.93 16.20
CA GLU A 137 4.36 11.73 15.23
C GLU A 137 5.73 12.13 15.79
N ASN A 138 6.77 11.51 15.23
CA ASN A 138 8.08 11.54 15.83
C ASN A 138 7.99 11.46 17.37
N GLY A 139 7.14 10.58 17.88
CA GLY A 139 7.00 10.38 19.33
C GLY A 139 5.82 11.10 19.96
N VAL A 140 5.29 12.12 19.28
CA VAL A 140 4.20 12.93 19.83
C VAL A 140 2.86 12.21 19.60
N ARG A 141 2.25 11.73 20.68
CA ARG A 141 1.02 10.95 20.56
C ARG A 141 -0.10 11.82 19.99
N GLN A 142 -0.95 11.21 19.15
CA GLN A 142 -2.07 11.92 18.53
C GLN A 142 -3.40 11.31 18.93
N CYS A 143 -3.40 10.00 19.08
CA CYS A 143 -4.58 9.20 19.29
C CYS A 143 -4.16 7.85 19.94
N TYR A 144 -4.92 7.45 20.95
CA TYR A 144 -4.67 6.18 21.62
C TYR A 144 -5.01 5.03 20.66
N HIS A 145 -4.26 3.94 20.80
CA HIS A 145 -4.49 2.76 19.98
C HIS A 145 -5.78 2.07 20.44
N TYR A 146 -6.92 2.60 20.01
CA TYR A 146 -8.23 2.18 20.52
C TYR A 146 -8.76 0.86 19.93
N TRP A 147 -7.94 0.13 19.19
CA TRP A 147 -8.34 -1.15 18.63
C TRP A 147 -7.27 -2.21 18.87
N PRO A 148 -7.62 -3.50 18.74
CA PRO A 148 -6.63 -4.58 18.89
C PRO A 148 -5.87 -4.88 17.60
N ASP A 149 -4.54 -4.98 17.72
CA ASP A 149 -3.66 -5.15 16.55
C ASP A 149 -3.74 -6.59 16.05
N GLU A 150 -4.18 -7.49 16.92
CA GLU A 150 -4.64 -8.83 16.53
C GLU A 150 -5.70 -9.24 17.51
N GLY A 151 -6.61 -10.11 17.07
CA GLY A 151 -7.61 -10.71 17.94
C GLY A 151 -8.56 -9.73 18.61
N SER A 152 -8.93 -10.03 19.85
CA SER A 152 -10.06 -9.41 20.51
C SER A 152 -9.65 -8.61 21.72
N ASN A 153 -10.26 -7.43 21.89
CA ASN A 153 -10.12 -6.61 23.09
C ASN A 153 -11.49 -6.23 23.62
N LEU A 154 -11.60 -6.10 24.94
CA LEU A 154 -12.85 -5.71 25.58
C LEU A 154 -12.76 -4.28 26.11
N TYR A 155 -13.69 -3.43 25.66
CA TYR A 155 -13.79 -2.04 26.09
C TYR A 155 -15.15 -1.81 26.76
N HIS A 156 -15.20 -2.03 28.08
CA HIS A 156 -16.44 -1.99 28.87
C HIS A 156 -17.37 -3.18 28.52
N ILE A 157 -18.51 -2.93 27.88
CA ILE A 157 -19.37 -3.98 27.36
C ILE A 157 -19.20 -4.11 25.83
N TYR A 158 -18.14 -3.53 25.26
CA TYR A 158 -17.92 -3.60 23.81
C TYR A 158 -16.69 -4.44 23.42
N GLU A 159 -16.93 -5.68 22.99
CA GLU A 159 -15.88 -6.53 22.46
C GLU A 159 -15.56 -6.14 21.01
N VAL A 160 -14.32 -5.76 20.73
CA VAL A 160 -13.86 -5.47 19.36
C VAL A 160 -12.89 -6.55 18.87
N ASN A 161 -13.23 -7.24 17.78
CA ASN A 161 -12.33 -8.18 17.14
C ASN A 161 -11.81 -7.63 15.82
N LEU A 162 -10.51 -7.74 15.59
CA LEU A 162 -9.94 -7.36 14.29
C LEU A 162 -10.10 -8.50 13.30
N VAL A 163 -10.98 -8.36 12.34
CA VAL A 163 -11.25 -9.42 11.38
C VAL A 163 -10.16 -9.50 10.30
N SER A 164 -9.92 -8.37 9.64
CA SER A 164 -8.91 -8.29 8.57
C SER A 164 -8.33 -6.88 8.51
N GLU A 165 -7.43 -6.67 7.57
CA GLU A 165 -6.76 -5.39 7.42
C GLU A 165 -6.17 -5.29 6.02
N HIS A 166 -6.64 -4.34 5.22
CA HIS A 166 -6.20 -4.26 3.82
C HIS A 166 -5.45 -2.95 3.55
N ILE A 167 -4.19 -3.10 3.16
CA ILE A 167 -3.30 -1.97 2.91
C ILE A 167 -3.30 -1.65 1.42
N TRP A 168 -3.96 -0.54 1.07
CA TRP A 168 -4.06 -0.10 -0.31
C TRP A 168 -2.76 0.49 -0.80
N CYS A 169 -2.15 1.38 0.00
CA CYS A 169 -0.94 2.09 -0.43
C CYS A 169 -0.16 2.70 0.74
N GLU A 170 0.98 3.33 0.43
CA GLU A 170 1.83 3.98 1.45
C GLU A 170 1.03 4.87 2.38
N ASP A 171 0.04 5.58 1.82
CA ASP A 171 -0.71 6.63 2.53
C ASP A 171 -2.02 6.19 3.19
N PHE A 172 -2.63 5.07 2.78
CA PHE A 172 -3.82 4.59 3.50
C PHE A 172 -4.07 3.08 3.52
N LEU A 173 -4.82 2.64 4.55
CA LEU A 173 -5.27 1.25 4.72
C LEU A 173 -6.70 1.15 5.27
N VAL A 174 -7.27 -0.05 5.25
CA VAL A 174 -8.59 -0.32 5.83
C VAL A 174 -8.50 -1.45 6.81
N ARG A 175 -9.16 -1.29 7.95
CA ARG A 175 -9.29 -2.34 8.95
C ARG A 175 -10.75 -2.68 9.11
N SER A 176 -11.06 -3.98 9.16
CA SER A 176 -12.40 -4.47 9.36
C SER A 176 -12.61 -5.02 10.78
N PHE A 177 -13.59 -4.49 11.52
CA PHE A 177 -13.87 -4.98 12.88
C PHE A 177 -15.23 -5.66 13.03
N TYR A 178 -15.31 -6.59 13.97
CA TYR A 178 -16.60 -7.05 14.51
C TYR A 178 -16.76 -6.40 15.87
N LEU A 179 -17.90 -5.76 16.06
CA LEU A 179 -18.18 -5.03 17.29
C LEU A 179 -19.40 -5.69 17.94
N LYS A 180 -19.18 -6.34 19.09
CA LYS A 180 -20.24 -7.03 19.82
C LYS A 180 -20.65 -6.28 21.07
N ASN A 181 -21.94 -5.99 21.18
CA ASN A 181 -22.48 -5.40 22.40
C ASN A 181 -22.77 -6.53 23.35
N LEU A 182 -22.00 -6.65 24.41
CA LEU A 182 -22.18 -7.78 25.35
C LEU A 182 -23.47 -7.67 26.20
N GLN A 183 -24.04 -6.48 26.34
CA GLN A 183 -25.36 -6.35 26.97
C GLN A 183 -26.46 -7.02 26.13
N THR A 184 -26.46 -6.73 24.82
CA THR A 184 -27.56 -7.15 23.94
C THR A 184 -27.26 -8.35 23.06
N ASN A 185 -26.02 -8.82 23.06
CA ASN A 185 -25.64 -9.97 22.22
C ASN A 185 -25.70 -9.68 20.70
N GLU A 186 -25.72 -8.41 20.31
CA GLU A 186 -25.79 -8.03 18.90
C GLU A 186 -24.35 -7.97 18.38
N THR A 187 -24.14 -8.11 17.07
CA THR A 187 -22.78 -7.97 16.49
C THR A 187 -22.77 -7.25 15.14
N ARG A 188 -22.01 -6.16 15.05
CA ARG A 188 -21.90 -5.37 13.79
C ARG A 188 -20.49 -5.37 13.21
N THR A 189 -20.41 -5.21 11.88
CA THR A 189 -19.15 -4.91 11.21
C THR A 189 -18.92 -3.39 11.13
N VAL A 190 -17.80 -2.91 11.68
CA VAL A 190 -17.39 -1.50 11.57
C VAL A 190 -16.16 -1.46 10.69
N THR A 191 -16.14 -0.64 9.64
CA THR A 191 -14.97 -0.57 8.73
C THR A 191 -14.20 0.71 9.04
N GLN A 192 -12.90 0.60 9.30
CA GLN A 192 -12.06 1.76 9.65
C GLN A 192 -11.05 2.14 8.53
N PHE A 193 -11.23 3.32 7.97
CA PHE A 193 -10.38 3.83 6.91
C PHE A 193 -9.29 4.72 7.53
N HIS A 194 -8.03 4.31 7.38
CA HIS A 194 -6.93 4.97 8.10
C HIS A 194 -5.97 5.60 7.12
N PHE A 195 -5.97 6.93 7.12
CA PHE A 195 -5.06 7.67 6.27
C PHE A 195 -3.83 7.96 7.14
N LEU A 196 -2.66 7.61 6.59
CA LEU A 196 -1.42 7.56 7.36
C LEU A 196 -0.44 8.72 7.12
N SER A 197 -0.69 9.57 6.13
CA SER A 197 0.27 10.58 5.71
C SER A 197 -0.18 12.00 5.92
N TRP A 198 -1.16 12.20 6.80
CA TRP A 198 -1.65 13.53 7.09
C TRP A 198 -1.22 13.93 8.49
N TYR A 199 -0.14 14.68 8.56
CA TYR A 199 0.45 15.02 9.85
C TYR A 199 -0.20 16.25 10.47
N ASP A 200 -0.24 16.25 11.80
CA ASP A 200 -0.80 17.34 12.62
C ASP A 200 -0.51 18.75 12.11
N ARG A 201 -1.57 19.57 12.02
CA ARG A 201 -1.51 20.95 11.53
C ARG A 201 -0.92 21.11 10.12
N GLY A 202 -0.96 20.05 9.32
CA GLY A 202 -0.36 20.09 7.99
C GLY A 202 -1.32 19.54 6.95
N VAL A 203 -0.78 19.23 5.79
CA VAL A 203 -1.57 18.76 4.67
C VAL A 203 -0.89 17.54 4.09
N PRO A 204 -1.64 16.63 3.45
CA PRO A 204 -1.07 15.54 2.67
C PRO A 204 -0.20 16.07 1.53
N SER A 205 0.80 15.32 1.10
CA SER A 205 1.70 15.77 0.00
C SER A 205 1.02 15.61 -1.33
N SER A 206 0.21 14.56 -1.41
CA SER A 206 -0.54 14.26 -2.61
C SER A 206 -1.98 14.45 -2.30
N SER A 207 -2.59 15.39 -3.01
CA SER A 207 -4.03 15.52 -2.99
C SER A 207 -4.64 14.29 -3.67
N ARG A 208 -3.96 13.72 -4.65
CA ARG A 208 -4.48 12.53 -5.34
C ARG A 208 -4.76 11.37 -4.38
N SER A 209 -3.89 11.17 -3.39
CA SER A 209 -4.10 10.11 -2.39
C SER A 209 -5.35 10.36 -1.54
N LEU A 210 -5.44 11.53 -0.94
CA LEU A 210 -6.58 11.85 -0.09
C LEU A 210 -7.90 11.69 -0.85
N LEU A 211 -7.90 12.06 -2.13
CA LEU A 211 -9.10 11.94 -2.97
C LEU A 211 -9.47 10.50 -3.28
N ASP A 212 -8.47 9.67 -3.60
CA ASP A 212 -8.74 8.25 -3.82
C ASP A 212 -9.21 7.59 -2.53
N PHE A 213 -8.65 8.04 -1.43
CA PHE A 213 -9.01 7.55 -0.10
C PHE A 213 -10.46 7.88 0.16
N ARG A 214 -10.85 9.11 -0.17
CA ARG A 214 -12.24 9.52 -0.04
C ARG A 214 -13.15 8.61 -0.87
N ARG A 215 -12.77 8.39 -2.12
CA ARG A 215 -13.58 7.59 -3.01
C ARG A 215 -13.78 6.19 -2.43
N LYS A 216 -12.78 5.67 -1.75
CA LYS A 216 -12.88 4.34 -1.16
C LYS A 216 -13.78 4.42 0.07
N VAL A 217 -13.61 5.45 0.89
CA VAL A 217 -14.50 5.62 2.04
C VAL A 217 -15.94 5.53 1.59
N ASN A 218 -16.28 6.21 0.50
CA ASN A 218 -17.68 6.41 0.08
C ASN A 218 -18.27 5.27 -0.74
N LYS A 219 -17.42 4.53 -1.46
CA LYS A 219 -17.85 3.31 -2.14
C LYS A 219 -18.28 2.29 -1.08
N CYS A 220 -17.72 2.40 0.13
CA CYS A 220 -18.10 1.53 1.23
C CYS A 220 -19.29 2.03 2.03
N TYR A 221 -19.41 3.34 2.22
CA TYR A 221 -20.55 3.96 2.91
C TYR A 221 -21.83 3.89 2.09
N ARG A 222 -21.71 3.98 0.77
CA ARG A 222 -22.83 4.24 -0.10
C ARG A 222 -23.88 3.14 -0.01
N GLY A 223 -25.08 3.44 0.46
CA GLY A 223 -25.46 4.68 1.13
C GLY A 223 -26.17 4.28 2.40
N ARG A 224 -25.87 4.97 3.50
CA ARG A 224 -26.37 4.56 4.80
C ARG A 224 -26.90 5.75 5.57
N SER A 225 -27.90 5.47 6.42
CA SER A 225 -28.50 6.49 7.28
C SER A 225 -27.44 7.01 8.26
N CYS A 226 -26.80 6.09 8.97
CA CYS A 226 -25.90 6.42 10.08
C CYS A 226 -24.73 7.34 9.72
N PRO A 227 -24.27 8.14 10.68
CA PRO A 227 -23.15 9.06 10.45
C PRO A 227 -21.80 8.36 10.26
N ILE A 228 -20.97 8.90 9.39
CA ILE A 228 -19.56 8.54 9.32
C ILE A 228 -18.82 9.16 10.51
N ILE A 229 -18.04 8.39 11.26
CA ILE A 229 -17.29 8.96 12.39
C ILE A 229 -15.89 9.35 11.95
N VAL A 230 -15.62 10.66 11.87
CA VAL A 230 -14.32 11.14 11.43
C VAL A 230 -13.52 11.65 12.61
N HIS A 231 -12.32 11.12 12.81
CA HIS A 231 -11.48 11.65 13.85
C HIS A 231 -10.06 11.81 13.40
N CYS A 232 -9.35 12.66 14.14
CA CYS A 232 -7.94 12.82 13.97
C CYS A 232 -7.37 12.96 15.35
N SER A 233 -7.08 14.21 15.72
CA SER A 233 -6.37 14.55 16.93
C SER A 233 -7.32 15.38 17.81
N ASP A 234 -7.37 16.71 17.58
CA ASP A 234 -8.43 17.55 18.14
C ASP A 234 -9.79 17.29 17.49
N GLY A 235 -9.82 16.52 16.38
CA GLY A 235 -11.05 16.30 15.63
C GLY A 235 -11.55 17.57 14.95
N ALA A 236 -10.63 18.48 14.65
CA ALA A 236 -10.99 19.75 14.04
C ALA A 236 -10.19 19.98 12.76
N GLY A 237 -8.87 19.93 12.86
CA GLY A 237 -8.02 20.43 11.79
C GLY A 237 -8.10 19.61 10.53
N ARG A 238 -7.63 18.39 10.65
CA ARG A 238 -7.61 17.47 9.54
C ARG A 238 -9.02 16.96 9.27
N SER A 239 -9.68 16.56 10.35
CA SER A 239 -11.04 16.05 10.31
C SER A 239 -11.96 17.02 9.57
N GLY A 240 -11.76 18.31 9.81
CA GLY A 240 -12.60 19.34 9.20
C GLY A 240 -12.28 19.58 7.74
N THR A 241 -11.00 19.44 7.38
CA THR A 241 -10.59 19.61 6.00
C THR A 241 -11.18 18.45 5.18
N TYR A 242 -11.24 17.27 5.79
CA TYR A 242 -11.79 16.13 5.10
C TYR A 242 -13.26 16.40 4.83
N VAL A 243 -13.97 16.74 5.91
CA VAL A 243 -15.40 16.98 5.86
C VAL A 243 -15.71 18.08 4.86
N LEU A 244 -15.00 19.20 4.97
CA LEU A 244 -15.18 20.32 4.03
C LEU A 244 -14.99 19.83 2.59
N ILE A 245 -13.86 19.17 2.30
CA ILE A 245 -13.56 18.62 0.96
C ILE A 245 -14.65 17.67 0.54
N ASP A 246 -15.15 16.89 1.48
CA ASP A 246 -16.08 15.84 1.11
C ASP A 246 -17.49 16.37 0.87
N MET A 247 -17.90 17.35 1.69
CA MET A 247 -19.19 18.01 1.51
C MET A 247 -19.26 18.81 0.23
N VAL A 248 -18.17 19.37 -0.23
CA VAL A 248 -18.24 20.25 -1.40
C VAL A 248 -18.33 19.41 -2.66
N LEU A 249 -17.58 18.33 -2.74
CA LEU A 249 -17.70 17.41 -3.87
C LEU A 249 -19.08 16.69 -3.91
N ASN A 250 -19.66 16.37 -2.75
CA ASN A 250 -21.01 15.79 -2.75
C ASN A 250 -22.04 16.72 -3.40
N LYS A 251 -21.85 18.03 -3.21
CA LYS A 251 -22.72 19.03 -3.84
C LYS A 251 -22.55 18.98 -5.35
N MET A 252 -21.33 18.79 -5.84
CA MET A 252 -21.15 18.58 -7.27
C MET A 252 -21.85 17.29 -7.67
N ALA A 253 -21.71 16.28 -6.82
CA ALA A 253 -22.35 14.99 -7.05
C ALA A 253 -23.85 15.11 -7.40
N LYS A 254 -24.52 16.11 -6.83
CA LYS A 254 -25.94 16.32 -7.09
C LYS A 254 -26.29 17.77 -7.41
N GLY A 255 -25.78 18.26 -8.54
CA GLY A 255 -26.10 19.61 -9.06
C GLY A 255 -26.22 20.70 -8.00
N LYS A 257 -26.06 24.09 -7.86
CA LYS A 257 -26.32 25.35 -8.54
C LYS A 257 -25.27 26.42 -8.15
N GLU A 258 -25.34 26.86 -6.88
CA GLU A 258 -24.40 27.85 -6.32
C GLU A 258 -23.35 27.15 -5.44
N ILE A 259 -22.17 27.74 -5.32
CA ILE A 259 -21.09 27.19 -4.49
C ILE A 259 -20.40 28.27 -3.69
N ASP A 260 -20.37 28.11 -2.37
CA ASP A 260 -19.59 29.00 -1.48
C ASP A 260 -18.87 28.13 -0.46
N ILE A 261 -17.59 27.87 -0.72
CA ILE A 261 -16.78 27.02 0.14
C ILE A 261 -16.57 27.68 1.53
N ALA A 262 -16.30 29.00 1.54
CA ALA A 262 -16.11 29.76 2.78
C ALA A 262 -17.38 29.67 3.65
N ALA A 263 -18.53 29.78 2.99
CA ALA A 263 -19.82 29.66 3.67
C ALA A 263 -20.08 28.22 4.13
N THR A 264 -19.62 27.26 3.35
CA THR A 264 -19.78 25.87 3.72
C THR A 264 -18.96 25.54 4.98
N LEU A 265 -17.79 26.19 5.09
CA LEU A 265 -16.94 26.05 6.26
C LEU A 265 -17.55 26.71 7.48
N GLU A 266 -18.26 27.82 7.29
CA GLU A 266 -18.98 28.43 8.39
C GLU A 266 -20.04 27.48 8.98
N HIS A 267 -20.86 26.90 8.10
CA HIS A 267 -21.81 25.85 8.46
C HIS A 267 -21.13 24.80 9.34
N LEU A 268 -19.89 24.44 9.00
CA LEU A 268 -19.15 23.49 9.82
C LEU A 268 -18.83 24.06 11.19
N ARG A 269 -18.36 25.31 11.24
CA ARG A 269 -17.88 25.90 12.50
C ARG A 269 -19.02 26.28 13.41
N ASP A 270 -20.23 26.33 12.83
CA ASP A 270 -21.46 26.47 13.59
C ASP A 270 -21.67 25.22 14.44
N GLN A 271 -21.12 24.10 13.98
CA GLN A 271 -21.37 22.78 14.58
C GLN A 271 -20.19 22.18 15.37
N ARG A 272 -18.98 22.65 15.13
CA ARG A 272 -17.85 22.25 15.95
C ARG A 272 -16.74 23.28 15.82
N PRO A 273 -16.21 23.79 16.94
CA PRO A 273 -15.19 24.81 16.74
C PRO A 273 -13.91 24.22 16.12
N GLY A 274 -13.05 25.11 15.63
CA GLY A 274 -11.74 24.72 15.13
C GLY A 274 -11.68 24.12 13.74
N MET A 275 -12.83 23.73 13.17
CA MET A 275 -12.83 22.95 11.93
C MET A 275 -12.01 23.60 10.80
N VAL A 276 -10.98 22.91 10.32
CA VAL A 276 -9.93 23.49 9.47
C VAL A 276 -9.12 24.47 10.33
N GLN A 277 -7.92 24.05 10.73
CA GLN A 277 -7.12 24.80 11.75
C GLN A 277 -6.18 25.79 11.11
N THR A 278 -5.89 25.59 9.83
CA THR A 278 -4.83 26.33 9.13
C THR A 278 -5.27 26.85 7.76
N LYS A 279 -4.73 28.00 7.36
CA LYS A 279 -4.97 28.55 6.03
C LYS A 279 -4.44 27.61 4.95
N GLU A 280 -3.29 26.99 5.23
CA GLU A 280 -2.70 25.98 4.34
C GLU A 280 -3.62 24.79 4.11
N GLN A 281 -4.36 24.42 5.15
CA GLN A 281 -5.32 23.33 5.06
C GLN A 281 -6.54 23.77 4.28
N PHE A 282 -6.94 25.02 4.47
CA PHE A 282 -8.05 25.57 3.72
C PHE A 282 -7.64 25.61 2.25
N GLU A 283 -6.51 26.24 1.97
CA GLU A 283 -5.92 26.21 0.64
C GLU A 283 -5.91 24.81 0.06
N PHE A 284 -5.55 23.81 0.88
CA PHE A 284 -5.50 22.42 0.43
C PHE A 284 -6.87 21.89 0.04
N ALA A 285 -7.85 22.06 0.93
CA ALA A 285 -9.22 21.62 0.65
C ALA A 285 -9.68 22.19 -0.68
N LEU A 286 -9.41 23.46 -0.91
CA LEU A 286 -9.74 24.06 -2.19
C LEU A 286 -9.03 23.33 -3.34
N THR A 287 -7.71 23.17 -3.21
CA THR A 287 -6.87 22.58 -4.26
C THR A 287 -7.33 21.18 -4.59
N ALA A 288 -7.82 20.48 -3.58
CA ALA A 288 -8.27 19.12 -3.72
C ALA A 288 -9.56 19.02 -4.52
N VAL A 289 -10.54 19.81 -4.10
CA VAL A 289 -11.81 19.89 -4.82
C VAL A 289 -11.56 20.24 -6.28
N ALA A 290 -10.72 21.24 -6.52
CA ALA A 290 -10.39 21.68 -7.87
C ALA A 290 -9.77 20.57 -8.71
N GLU A 291 -8.87 19.82 -8.09
CA GLU A 291 -8.09 18.84 -8.83
C GLU A 291 -8.99 17.70 -9.23
N GLU A 292 -9.84 17.26 -8.30
CA GLU A 292 -10.86 16.24 -8.57
C GLU A 292 -11.76 16.72 -9.71
N VAL A 293 -12.23 17.96 -9.62
CA VAL A 293 -13.12 18.50 -10.64
C VAL A 293 -12.41 18.67 -11.98
N ASN A 294 -11.11 18.95 -11.97
CA ASN A 294 -10.34 18.93 -13.21
C ASN A 294 -10.29 17.53 -13.84
N ALA A 295 -10.22 16.49 -13.00
CA ALA A 295 -10.18 15.11 -13.48
C ALA A 295 -11.50 14.69 -14.08
N ILE A 296 -12.59 14.91 -13.34
CA ILE A 296 -13.93 14.58 -13.85
C ILE A 296 -14.15 15.23 -15.23
N LEU A 297 -13.96 16.55 -15.30
CA LEU A 297 -14.22 17.32 -16.53
C LEU A 297 -13.26 16.97 -17.66
N ALA A 298 -12.03 16.57 -17.33
CA ALA A 298 -11.11 16.04 -18.33
C ALA A 298 -11.75 14.85 -19.05
N HIS A 299 -12.35 13.94 -18.28
CA HIS A 299 -13.16 12.84 -18.85
C HIS A 299 -14.55 13.34 -19.24
N ASP B 11 17.88 9.25 -24.14
CA ASP B 11 16.96 8.63 -23.14
C ASP B 11 15.50 8.79 -23.55
N ILE B 12 15.04 10.02 -23.58
CA ILE B 12 13.74 10.32 -24.16
C ILE B 12 13.75 9.78 -25.60
N SER B 13 14.93 9.80 -26.21
CA SER B 13 15.20 9.16 -27.51
C SER B 13 14.96 7.64 -27.53
N THR B 14 15.60 6.90 -26.61
CA THR B 14 15.44 5.45 -26.55
C THR B 14 14.00 5.05 -26.21
N GLY B 15 13.34 5.88 -25.40
CA GLY B 15 11.94 5.66 -25.03
C GLY B 15 11.08 5.62 -26.27
N HIS B 16 11.31 6.60 -27.15
CA HIS B 16 10.67 6.63 -28.46
C HIS B 16 11.13 5.45 -29.31
N MET B 17 12.42 5.13 -29.25
CA MET B 17 12.93 3.92 -29.91
C MET B 17 12.17 2.67 -29.45
N ILE B 18 11.83 2.61 -28.16
CA ILE B 18 11.05 1.48 -27.62
C ILE B 18 9.59 1.48 -28.06
N LEU B 19 8.95 2.64 -28.04
CA LEU B 19 7.56 2.72 -28.46
C LEU B 19 7.35 2.32 -29.94
N SER B 20 8.25 2.71 -30.83
CA SER B 20 8.22 2.21 -32.21
C SER B 20 8.21 0.70 -32.22
N TYR B 21 9.17 0.12 -31.51
CA TYR B 21 9.26 -1.32 -31.40
C TYR B 21 7.96 -1.89 -30.92
N MET B 22 7.39 -1.28 -29.89
CA MET B 22 6.25 -1.82 -29.19
C MET B 22 5.02 -1.87 -30.13
N GLU B 23 4.81 -0.79 -30.88
CA GLU B 23 3.82 -0.75 -31.95
C GLU B 23 3.94 -1.97 -32.87
N ASP B 24 5.17 -2.30 -33.26
CA ASP B 24 5.41 -3.41 -34.17
C ASP B 24 5.29 -4.79 -33.54
N HIS B 25 5.56 -4.91 -32.25
CA HIS B 25 5.70 -6.23 -31.61
C HIS B 25 4.64 -6.50 -30.52
N LEU B 26 4.03 -5.45 -29.96
CA LEU B 26 3.00 -5.59 -28.94
C LEU B 26 1.62 -5.21 -29.52
N LYS B 27 1.52 -4.08 -30.19
CA LYS B 27 0.24 -3.64 -30.75
C LYS B 27 -0.22 -4.57 -31.88
N ASN B 28 0.74 -5.03 -32.68
CA ASN B 28 0.49 -5.97 -33.77
C ASN B 28 0.45 -7.38 -33.21
N LYS B 29 -0.76 -7.89 -32.99
CA LYS B 29 -0.99 -9.17 -32.33
C LYS B 29 -0.49 -10.36 -33.14
N ASN B 30 -0.55 -10.26 -34.47
CA ASN B 30 -0.13 -11.35 -35.35
C ASN B 30 1.38 -11.58 -35.28
N ARG B 31 2.14 -10.50 -35.13
CA ARG B 31 3.58 -10.60 -34.92
C ARG B 31 3.90 -11.09 -33.51
N LEU B 32 3.20 -10.55 -32.51
CA LEU B 32 3.25 -11.09 -31.15
C LEU B 32 3.09 -12.62 -31.15
N GLU B 33 2.04 -13.14 -31.79
CA GLU B 33 1.82 -14.60 -31.86
C GLU B 33 2.98 -15.29 -32.56
N LYS B 34 3.29 -14.86 -33.77
CA LYS B 34 4.38 -15.45 -34.57
C LYS B 34 5.69 -15.52 -33.76
N GLU B 35 6.06 -14.41 -33.13
CA GLU B 35 7.30 -14.37 -32.32
C GLU B 35 7.24 -15.32 -31.13
N TRP B 36 6.13 -15.31 -30.39
CA TRP B 36 5.99 -16.28 -29.31
C TRP B 36 6.06 -17.71 -29.86
N GLU B 37 5.55 -17.93 -31.08
CA GLU B 37 5.68 -19.25 -31.71
C GLU B 37 7.15 -19.53 -32.03
N ALA B 38 7.89 -18.51 -32.46
CA ALA B 38 9.35 -18.64 -32.63
C ALA B 38 10.08 -18.97 -31.32
N LEU B 39 9.70 -18.27 -30.24
CA LEU B 39 10.32 -18.50 -28.95
C LEU B 39 10.13 -19.94 -28.45
N CYS B 40 8.92 -20.47 -28.56
CA CYS B 40 8.69 -21.90 -28.29
C CYS B 40 9.66 -22.84 -29.00
N ALA B 41 9.83 -22.65 -30.31
CA ALA B 41 10.77 -23.47 -31.09
C ALA B 41 12.27 -23.24 -30.72
N TYR B 42 12.58 -22.22 -29.91
CA TYR B 42 13.97 -21.93 -29.57
C TYR B 42 14.56 -23.01 -28.69
N GLN B 43 15.63 -23.64 -29.17
CA GLN B 43 16.33 -24.66 -28.43
C GLN B 43 17.69 -24.10 -28.10
N ALA B 44 17.94 -23.88 -26.82
CA ALA B 44 19.27 -23.53 -26.33
C ALA B 44 20.28 -24.62 -26.70
N GLU B 45 21.55 -24.24 -26.75
CA GLU B 45 22.61 -25.18 -27.08
C GLU B 45 23.89 -24.57 -26.50
N PRO B 46 24.50 -25.25 -25.52
CA PRO B 46 24.10 -26.50 -24.86
C PRO B 46 22.84 -26.34 -24.00
N ASN B 47 22.11 -27.43 -23.77
CA ASN B 47 20.92 -27.44 -22.90
C ASN B 47 20.77 -28.72 -22.04
N SER B 48 21.89 -29.29 -21.63
CA SER B 48 21.90 -30.47 -20.78
C SER B 48 21.63 -30.09 -19.33
N SER B 49 20.84 -30.90 -18.63
CA SER B 49 20.66 -30.78 -17.17
C SER B 49 20.91 -32.09 -16.46
N PHE B 50 21.88 -32.88 -16.93
CA PHE B 50 22.21 -34.16 -16.30
C PHE B 50 22.35 -34.08 -14.78
N VAL B 51 23.14 -33.11 -14.29
CA VAL B 51 23.40 -32.96 -12.86
C VAL B 51 22.08 -32.86 -12.10
N ALA B 52 21.27 -31.88 -12.51
CA ALA B 52 19.93 -31.68 -12.00
C ALA B 52 19.13 -32.95 -11.89
N GLN B 53 19.18 -33.79 -12.93
CA GLN B 53 18.33 -34.99 -12.96
C GLN B 53 18.99 -36.28 -12.47
N ARG B 54 20.13 -36.19 -11.78
CA ARG B 54 20.72 -37.36 -11.09
C ARG B 54 19.81 -37.88 -9.98
N GLU B 55 19.80 -39.18 -9.71
CA GLU B 55 18.92 -39.73 -8.67
C GLU B 55 19.08 -38.96 -7.33
N GLU B 56 20.30 -38.54 -7.01
CA GLU B 56 20.60 -37.83 -5.75
C GLU B 56 19.95 -36.46 -5.62
N ASN B 57 19.66 -35.80 -6.73
CA ASN B 57 19.16 -34.42 -6.70
C ASN B 57 17.68 -34.27 -7.02
N VAL B 58 17.02 -35.37 -7.37
CA VAL B 58 15.58 -35.34 -7.69
C VAL B 58 14.72 -34.61 -6.65
N PRO B 59 14.90 -34.93 -5.34
CA PRO B 59 14.17 -34.19 -4.31
C PRO B 59 14.73 -32.79 -3.98
N LYS B 60 15.80 -32.36 -4.64
CA LYS B 60 16.22 -30.97 -4.49
C LYS B 60 15.57 -30.10 -5.56
N ASN B 61 14.72 -30.71 -6.40
CA ASN B 61 14.03 -29.97 -7.44
C ASN B 61 12.53 -29.87 -7.13
N ARG B 62 12.01 -28.66 -7.25
CA ARG B 62 10.57 -28.45 -7.14
C ARG B 62 9.83 -28.97 -8.39
N SER B 63 10.28 -28.53 -9.57
CA SER B 63 9.52 -28.63 -10.82
C SER B 63 10.25 -29.36 -11.97
N LEU B 64 9.70 -30.51 -12.39
CA LEU B 64 10.34 -31.38 -13.38
C LEU B 64 10.55 -30.73 -14.77
N ALA B 65 9.79 -29.66 -15.03
CA ALA B 65 9.91 -28.91 -16.28
C ALA B 65 10.86 -27.72 -16.22
N VAL B 66 11.46 -27.40 -15.06
CA VAL B 66 12.55 -26.39 -15.04
C VAL B 66 13.73 -26.81 -14.17
N LEU B 67 14.78 -27.23 -14.86
CA LEU B 67 15.95 -27.85 -14.28
C LEU B 67 17.19 -27.09 -14.72
N THR B 68 17.88 -26.53 -13.74
CA THR B 68 19.10 -25.80 -13.96
C THR B 68 19.94 -26.47 -15.04
N TYR B 69 20.49 -25.70 -15.97
CA TYR B 69 21.39 -26.29 -17.00
C TYR B 69 22.74 -26.59 -16.40
N ASP B 70 23.35 -27.69 -16.85
CA ASP B 70 24.73 -28.02 -16.48
C ASP B 70 25.72 -26.87 -16.71
N HIS B 71 25.52 -26.12 -17.79
CA HIS B 71 26.45 -25.07 -18.22
C HIS B 71 26.19 -23.68 -17.57
N SER B 72 25.19 -23.60 -16.69
CA SER B 72 24.84 -22.38 -16.03
C SER B 72 24.10 -22.67 -14.72
N ARG B 73 24.80 -23.27 -13.77
CA ARG B 73 24.21 -23.47 -12.45
C ARG B 73 25.10 -22.94 -11.33
N VAL B 74 24.47 -22.57 -10.24
CA VAL B 74 25.21 -22.07 -9.07
C VAL B 74 25.85 -23.28 -8.42
N LEU B 75 27.13 -23.16 -8.08
CA LEU B 75 27.84 -24.18 -7.33
C LEU B 75 27.90 -23.74 -5.87
N LEU B 76 27.29 -24.53 -5.00
CA LEU B 76 27.51 -24.39 -3.57
C LEU B 76 28.84 -25.04 -3.33
N LYS B 77 29.61 -24.54 -2.37
CA LYS B 77 30.83 -25.22 -1.94
C LYS B 77 30.42 -26.47 -1.17
N ALA B 78 30.78 -27.64 -1.71
CA ALA B 78 30.42 -28.92 -1.10
C ALA B 78 30.98 -29.02 0.31
N GLU B 79 32.16 -28.47 0.51
CA GLU B 79 32.84 -28.47 1.81
C GLU B 79 32.05 -27.78 2.93
N ASN B 80 31.23 -26.78 2.62
CA ASN B 80 30.32 -26.17 3.63
C ASN B 80 28.83 -26.52 3.44
N SER B 81 28.54 -27.35 2.44
CA SER B 81 27.18 -27.82 2.19
C SER B 81 26.59 -28.63 3.36
N HIS B 82 25.29 -28.51 3.49
CA HIS B 82 24.50 -29.21 4.46
C HIS B 82 24.48 -30.67 4.03
N SER B 83 24.30 -30.89 2.73
CA SER B 83 24.23 -32.27 2.24
C SER B 83 25.52 -32.75 1.59
N HIS B 84 26.59 -31.98 1.71
CA HIS B 84 27.84 -32.34 1.06
C HIS B 84 27.58 -32.53 -0.43
N SER B 85 26.90 -31.55 -1.02
CA SER B 85 26.61 -31.54 -2.44
C SER B 85 26.82 -30.12 -2.90
N ASP B 86 27.25 -29.96 -4.16
CA ASP B 86 27.32 -28.63 -4.76
C ASP B 86 26.02 -28.21 -5.46
N TYR B 87 25.05 -29.12 -5.59
CA TYR B 87 23.84 -28.84 -6.38
C TYR B 87 22.71 -28.05 -5.69
N ILE B 88 22.24 -27.02 -6.42
CA ILE B 88 21.03 -26.27 -6.11
C ILE B 88 20.36 -25.86 -7.44
N ASN B 89 19.04 -25.98 -7.50
CA ASN B 89 18.31 -25.67 -8.72
C ASN B 89 18.24 -24.15 -8.83
N ALA B 90 19.20 -23.60 -9.59
CA ALA B 90 19.55 -22.19 -9.52
C ALA B 90 20.51 -21.83 -10.66
N SER B 91 20.24 -20.73 -11.34
CA SER B 91 20.99 -20.36 -12.53
C SER B 91 21.51 -18.94 -12.43
N PRO B 92 22.84 -18.76 -12.48
CA PRO B 92 23.30 -17.37 -12.66
C PRO B 92 22.88 -16.86 -14.03
N ILE B 93 22.56 -15.57 -14.11
CA ILE B 93 22.12 -14.94 -15.35
C ILE B 93 22.94 -13.68 -15.61
N MET B 94 23.84 -13.75 -16.62
CA MET B 94 24.73 -12.63 -16.99
C MET B 94 23.95 -11.67 -17.85
N ASP B 95 24.40 -10.40 -17.88
CA ASP B 95 23.86 -9.41 -18.81
C ASP B 95 24.84 -9.14 -19.95
N ASP B 97 28.57 -8.25 -18.10
CA ASP B 97 29.81 -8.88 -17.64
C ASP B 97 29.52 -10.37 -17.42
N PRO B 98 30.19 -11.23 -18.20
CA PRO B 98 30.02 -12.70 -18.05
C PRO B 98 30.60 -13.27 -16.74
N ARG B 99 31.54 -12.55 -16.11
CA ARG B 99 32.16 -12.98 -14.85
C ARG B 99 31.28 -12.72 -13.61
N ASN B 100 30.32 -11.79 -13.74
CA ASN B 100 29.50 -11.34 -12.62
C ASN B 100 28.03 -11.34 -13.02
N PRO B 101 27.31 -12.40 -12.65
CA PRO B 101 25.90 -12.40 -13.04
C PRO B 101 25.08 -11.25 -12.42
N ALA B 102 24.13 -10.73 -13.21
CA ALA B 102 23.19 -9.75 -12.74
C ALA B 102 22.27 -10.39 -11.71
N TYR B 103 21.71 -11.56 -12.04
CA TYR B 103 20.75 -12.18 -11.16
C TYR B 103 21.20 -13.59 -10.93
N ILE B 104 20.69 -14.21 -9.86
CA ILE B 104 20.52 -15.67 -9.86
C ILE B 104 19.04 -15.99 -9.94
N ALA B 105 18.61 -16.81 -10.91
CA ALA B 105 17.22 -17.27 -11.02
C ALA B 105 17.06 -18.67 -10.42
N THR B 106 16.25 -18.78 -9.37
CA THR B 106 16.14 -20.02 -8.59
C THR B 106 14.69 -20.42 -8.23
N GLN B 107 14.46 -21.71 -8.06
CA GLN B 107 13.15 -22.16 -7.60
C GLN B 107 12.91 -21.63 -6.18
N GLY B 108 11.67 -21.66 -5.73
CA GLY B 108 11.39 -21.36 -4.34
C GLY B 108 11.92 -22.51 -3.49
N PRO B 109 12.70 -22.21 -2.45
CA PRO B 109 13.14 -23.27 -1.55
C PRO B 109 12.06 -24.28 -1.15
N LEU B 110 12.42 -25.57 -1.20
CA LEU B 110 11.66 -26.65 -0.57
C LEU B 110 12.12 -26.76 0.88
N PRO B 111 11.33 -27.43 1.73
CA PRO B 111 11.88 -27.68 3.06
C PRO B 111 13.25 -28.38 2.99
N ALA B 112 13.40 -29.31 2.04
CA ALA B 112 14.67 -30.00 1.87
C ALA B 112 15.85 -29.12 1.49
N THR B 113 15.64 -27.87 1.08
CA THR B 113 16.76 -27.08 0.50
C THR B 113 16.93 -25.64 1.01
N VAL B 114 16.27 -25.31 2.12
CA VAL B 114 16.29 -23.97 2.69
C VAL B 114 17.73 -23.64 3.01
N ALA B 115 18.39 -24.56 3.70
CA ALA B 115 19.79 -24.40 4.06
C ALA B 115 20.61 -24.18 2.80
N ASP B 116 20.29 -24.94 1.75
CA ASP B 116 21.02 -24.82 0.50
C ASP B 116 20.88 -23.40 0.00
N PHE B 117 19.63 -22.92 0.01
CA PHE B 117 19.29 -21.57 -0.41
C PHE B 117 20.05 -20.49 0.35
N TRP B 118 20.07 -20.58 1.68
CA TRP B 118 20.78 -19.57 2.48
C TRP B 118 22.28 -19.60 2.23
N GLN B 119 22.80 -20.79 1.96
CA GLN B 119 24.20 -20.92 1.59
C GLN B 119 24.46 -20.23 0.27
N MET B 120 23.58 -20.38 -0.71
CA MET B 120 23.78 -19.71 -1.99
C MET B 120 23.68 -18.21 -1.80
N VAL B 121 22.80 -17.78 -0.89
CA VAL B 121 22.66 -16.38 -0.57
C VAL B 121 23.98 -15.87 0.00
N TRP B 122 24.53 -16.61 0.96
CA TRP B 122 25.77 -16.20 1.62
C TRP B 122 26.95 -16.25 0.67
N GLU B 123 27.07 -17.32 -0.08
CA GLU B 123 28.19 -17.47 -1.01
C GLU B 123 28.06 -16.55 -2.22
N SER B 124 26.83 -16.17 -2.56
CA SER B 124 26.57 -15.22 -3.65
C SER B 124 27.11 -13.83 -3.35
N GLY B 125 27.09 -13.47 -2.06
CA GLY B 125 27.26 -12.08 -1.65
C GLY B 125 25.95 -11.30 -1.72
N CYS B 126 24.90 -11.99 -2.14
CA CYS B 126 23.58 -11.39 -2.33
C CYS B 126 23.07 -10.72 -1.07
N VAL B 127 22.36 -9.62 -1.28
CA VAL B 127 21.71 -8.88 -0.18
C VAL B 127 20.33 -8.29 -0.58
N VAL B 128 19.92 -8.53 -1.82
CA VAL B 128 18.57 -8.28 -2.25
C VAL B 128 17.98 -9.58 -2.77
N ILE B 129 16.86 -10.02 -2.19
CA ILE B 129 16.08 -11.14 -2.71
C ILE B 129 14.79 -10.62 -3.28
N VAL B 130 14.38 -11.15 -4.43
CA VAL B 130 13.11 -10.78 -5.04
C VAL B 130 12.27 -12.03 -5.09
N MET B 131 11.12 -11.99 -4.44
CA MET B 131 10.20 -13.12 -4.39
C MET B 131 8.91 -12.65 -5.04
N LEU B 132 8.46 -13.41 -6.04
CA LEU B 132 7.30 -13.08 -6.87
C LEU B 132 6.19 -14.14 -6.75
N THR B 133 6.13 -14.83 -5.61
CA THR B 133 5.04 -15.76 -5.35
C THR B 133 4.49 -15.54 -3.94
N PRO B 134 3.20 -15.80 -3.74
CA PRO B 134 2.79 -15.96 -2.34
C PRO B 134 3.37 -17.28 -1.87
N LEU B 135 3.12 -17.66 -0.62
CA LEU B 135 3.60 -18.97 -0.13
C LEU B 135 2.70 -20.12 -0.65
N ALA B 136 1.39 -19.89 -0.60
CA ALA B 136 0.39 -20.76 -1.23
C ALA B 136 -0.69 -19.92 -1.92
N GLU B 137 -1.24 -20.43 -3.02
CA GLU B 137 -2.37 -19.79 -3.72
C GLU B 137 -3.59 -20.65 -3.56
N ASN B 138 -4.58 -20.15 -2.82
CA ASN B 138 -5.79 -20.89 -2.54
C ASN B 138 -5.45 -22.36 -2.27
N GLY B 139 -4.74 -22.60 -1.17
CA GLY B 139 -4.34 -23.94 -0.76
C GLY B 139 -3.09 -24.51 -1.42
N VAL B 140 -2.77 -24.08 -2.63
CA VAL B 140 -1.64 -24.69 -3.38
C VAL B 140 -0.27 -24.07 -3.05
N ARG B 141 0.60 -24.89 -2.45
CA ARG B 141 1.92 -24.43 -1.97
C ARG B 141 2.87 -24.10 -3.16
N GLN B 142 3.48 -22.92 -3.09
CA GLN B 142 4.34 -22.41 -4.19
C GLN B 142 5.78 -22.37 -3.75
N CYS B 143 5.99 -22.11 -2.47
CA CYS B 143 7.31 -21.86 -1.95
C CYS B 143 7.27 -21.98 -0.43
N TYR B 144 8.30 -22.60 0.12
CA TYR B 144 8.44 -22.83 1.55
C TYR B 144 8.64 -21.50 2.27
N HIS B 145 8.11 -21.42 3.49
CA HIS B 145 8.34 -20.29 4.35
C HIS B 145 9.78 -20.45 4.85
N TYR B 146 10.74 -19.97 4.06
CA TYR B 146 12.16 -20.17 4.35
C TYR B 146 12.81 -19.13 5.27
N TRP B 147 12.01 -18.26 5.88
CA TRP B 147 12.48 -17.26 6.79
C TRP B 147 11.70 -17.30 8.11
N PRO B 148 12.22 -16.65 9.17
CA PRO B 148 11.53 -16.69 10.47
C PRO B 148 10.30 -15.79 10.54
N ASP B 149 9.19 -16.34 11.06
CA ASP B 149 7.97 -15.55 11.25
C ASP B 149 8.20 -14.45 12.30
N GLU B 150 9.03 -14.79 13.29
CA GLU B 150 9.47 -13.83 14.31
C GLU B 150 10.84 -14.26 14.84
N GLY B 151 11.61 -13.30 15.33
CA GLY B 151 12.90 -13.57 15.95
C GLY B 151 13.84 -14.28 15.01
N SER B 152 14.49 -15.33 15.50
CA SER B 152 15.55 -16.01 14.77
C SER B 152 15.23 -17.47 14.51
N ASN B 153 15.92 -18.00 13.51
CA ASN B 153 15.68 -19.33 13.01
C ASN B 153 17.00 -19.81 12.47
N LEU B 154 17.26 -21.10 12.57
CA LEU B 154 18.58 -21.63 12.22
C LEU B 154 18.54 -22.69 11.13
N TYR B 155 19.15 -22.37 9.98
CA TYR B 155 19.25 -23.29 8.87
C TYR B 155 20.73 -23.62 8.66
N HIS B 156 21.11 -24.84 9.11
CA HIS B 156 22.48 -25.32 9.11
C HIS B 156 23.38 -24.36 9.92
N ILE B 157 24.27 -23.62 9.26
CA ILE B 157 25.18 -22.69 9.94
C ILE B 157 24.71 -21.24 9.79
N TYR B 158 23.54 -21.05 9.18
CA TYR B 158 23.03 -19.70 8.93
C TYR B 158 21.93 -19.29 9.91
N GLU B 159 22.21 -18.23 10.67
CA GLU B 159 21.22 -17.66 11.57
C GLU B 159 20.52 -16.53 10.83
N VAL B 160 19.24 -16.75 10.50
CA VAL B 160 18.38 -15.78 9.84
C VAL B 160 17.53 -15.13 10.93
N ASN B 161 17.53 -13.80 10.95
CA ASN B 161 16.89 -13.02 12.00
C ASN B 161 15.96 -11.98 11.37
N LEU B 162 14.67 -12.04 11.67
CA LEU B 162 13.73 -11.03 11.16
C LEU B 162 13.87 -9.75 11.97
N VAL B 163 14.38 -8.69 11.34
CA VAL B 163 14.49 -7.39 11.99
C VAL B 163 13.23 -6.55 11.78
N SER B 164 12.74 -6.50 10.55
CA SER B 164 11.55 -5.68 10.26
C SER B 164 10.79 -6.12 9.02
N GLU B 165 9.50 -5.77 9.00
CA GLU B 165 8.63 -6.05 7.88
C GLU B 165 7.88 -4.75 7.62
N HIS B 166 7.89 -4.27 6.37
CA HIS B 166 7.10 -3.08 6.02
C HIS B 166 6.23 -3.35 4.81
N ILE B 167 4.92 -3.17 4.96
CA ILE B 167 4.00 -3.42 3.87
C ILE B 167 3.71 -2.09 3.21
N TRP B 168 4.06 -1.98 1.94
CA TRP B 168 3.80 -0.78 1.16
C TRP B 168 2.38 -0.75 0.62
N CYS B 169 1.87 -1.92 0.23
CA CYS B 169 0.53 -2.05 -0.33
C CYS B 169 0.18 -3.52 -0.47
N GLU B 170 -1.01 -3.81 -0.98
CA GLU B 170 -1.52 -5.19 -1.12
C GLU B 170 -0.59 -6.04 -1.94
N ASP B 171 -0.09 -5.47 -3.05
CA ASP B 171 0.78 -6.19 -4.00
C ASP B 171 2.21 -6.47 -3.50
N PHE B 172 2.79 -5.62 -2.63
CA PHE B 172 4.15 -5.90 -2.14
C PHE B 172 4.55 -5.39 -0.75
N LEU B 173 5.52 -6.08 -0.17
CA LEU B 173 6.10 -5.76 1.12
C LEU B 173 7.61 -6.07 1.09
N VAL B 174 8.32 -5.57 2.10
CA VAL B 174 9.74 -5.75 2.23
C VAL B 174 10.03 -6.28 3.61
N ARG B 175 10.98 -7.22 3.69
CA ARG B 175 11.46 -7.75 4.97
C ARG B 175 12.96 -7.53 5.08
N SER B 176 13.43 -7.26 6.29
CA SER B 176 14.85 -7.10 6.54
C SER B 176 15.34 -8.16 7.49
N PHE B 177 16.35 -8.90 7.05
CA PHE B 177 16.93 -9.93 7.89
C PHE B 177 18.37 -9.61 8.31
N TYR B 178 18.78 -10.17 9.44
CA TYR B 178 20.21 -10.35 9.75
C TYR B 178 20.60 -11.80 9.47
N LEU B 179 21.53 -11.97 8.53
CA LEU B 179 22.05 -13.27 8.17
C LEU B 179 23.41 -13.42 8.82
N LYS B 180 23.48 -14.20 9.91
CA LYS B 180 24.78 -14.54 10.52
C LYS B 180 25.31 -15.91 10.11
N ASN B 181 26.53 -15.90 9.59
CA ASN B 181 27.24 -17.14 9.25
C ASN B 181 27.97 -17.57 10.51
N LEU B 182 27.49 -18.65 11.13
CA LEU B 182 28.00 -19.07 12.46
C LEU B 182 29.39 -19.72 12.42
N GLN B 183 29.85 -20.12 11.24
CA GLN B 183 31.24 -20.51 11.04
C GLN B 183 32.17 -19.30 11.19
N THR B 184 31.95 -18.28 10.35
CA THR B 184 32.85 -17.13 10.25
C THR B 184 32.45 -16.00 11.20
N ASN B 185 31.21 -16.06 11.69
CA ASN B 185 30.67 -15.10 12.63
C ASN B 185 30.42 -13.68 12.13
N GLU B 186 30.52 -13.48 10.82
CA GLU B 186 30.13 -12.23 10.18
C GLU B 186 28.61 -12.15 10.14
N THR B 187 28.09 -10.93 10.12
CA THR B 187 26.65 -10.67 10.04
C THR B 187 26.38 -9.77 8.83
N ARG B 188 25.52 -10.21 7.91
CA ARG B 188 25.04 -9.34 6.82
C ARG B 188 23.59 -8.93 7.02
N THR B 189 23.17 -7.87 6.32
CA THR B 189 21.76 -7.51 6.23
C THR B 189 21.25 -7.93 4.86
N VAL B 190 20.22 -8.78 4.83
CA VAL B 190 19.59 -9.21 3.58
C VAL B 190 18.16 -8.70 3.52
N THR B 191 17.84 -8.03 2.41
CA THR B 191 16.55 -7.39 2.23
C THR B 191 15.77 -8.19 1.20
N GLN B 192 14.59 -8.64 1.60
CA GLN B 192 13.73 -9.43 0.73
C GLN B 192 12.55 -8.55 0.28
N PHE B 193 12.35 -8.45 -1.03
CA PHE B 193 11.21 -7.73 -1.62
C PHE B 193 10.20 -8.78 -2.08
N HIS B 194 9.02 -8.75 -1.48
CA HIS B 194 8.05 -9.84 -1.67
C HIS B 194 6.75 -9.35 -2.32
N PHE B 195 6.62 -9.64 -3.61
CA PHE B 195 5.45 -9.27 -4.39
C PHE B 195 4.35 -10.35 -4.22
N LEU B 196 3.16 -9.90 -3.86
CA LEU B 196 2.14 -10.79 -3.28
C LEU B 196 0.98 -11.18 -4.21
N SER B 197 0.85 -10.47 -5.33
CA SER B 197 -0.28 -10.61 -6.24
C SER B 197 0.11 -10.98 -7.65
N TRP B 198 1.18 -11.74 -7.82
CA TRP B 198 1.49 -12.34 -9.11
C TRP B 198 1.22 -13.83 -8.99
N TYR B 199 0.03 -14.25 -9.38
CA TYR B 199 -0.38 -15.63 -9.24
C TYR B 199 0.22 -16.52 -10.32
N ASP B 200 0.24 -17.82 -10.03
CA ASP B 200 1.03 -18.82 -10.76
C ASP B 200 0.59 -18.94 -12.21
N ARG B 201 1.56 -19.06 -13.13
CA ARG B 201 1.26 -19.09 -14.58
C ARG B 201 0.33 -17.94 -15.00
N GLY B 202 0.40 -16.83 -14.28
CA GLY B 202 -0.45 -15.69 -14.53
C GLY B 202 0.38 -14.43 -14.65
N VAL B 203 -0.32 -13.30 -14.66
CA VAL B 203 0.26 -11.98 -14.76
C VAL B 203 -0.40 -11.10 -13.70
N PRO B 204 0.32 -10.08 -13.19
CA PRO B 204 -0.26 -9.15 -12.22
C PRO B 204 -1.31 -8.25 -12.87
N SER B 205 -2.26 -7.76 -12.07
CA SER B 205 -3.34 -6.91 -12.61
C SER B 205 -2.80 -5.55 -13.02
N SER B 206 -2.05 -4.94 -12.12
CA SER B 206 -1.46 -3.64 -12.34
C SER B 206 0.01 -3.77 -12.74
N SER B 207 0.36 -3.35 -13.95
CA SER B 207 1.75 -3.27 -14.34
C SER B 207 2.45 -2.14 -13.59
N ARG B 208 1.67 -1.19 -13.09
CA ARG B 208 2.19 -0.09 -12.28
C ARG B 208 2.68 -0.59 -10.90
N SER B 209 1.92 -1.46 -10.27
CA SER B 209 2.38 -2.01 -9.00
C SER B 209 3.76 -2.63 -9.17
N LEU B 210 3.91 -3.49 -10.17
CA LEU B 210 5.16 -4.22 -10.36
C LEU B 210 6.29 -3.25 -10.69
N LEU B 211 6.00 -2.26 -11.50
CA LEU B 211 7.01 -1.28 -11.85
C LEU B 211 7.42 -0.48 -10.62
N ASP B 212 6.45 -0.08 -9.79
CA ASP B 212 6.77 0.62 -8.53
C ASP B 212 7.61 -0.28 -7.64
N PHE B 213 7.16 -1.51 -7.45
CA PHE B 213 7.93 -2.56 -6.76
C PHE B 213 9.35 -2.78 -7.30
N ARG B 214 9.56 -2.61 -8.61
CA ARG B 214 10.88 -2.74 -9.22
C ARG B 214 11.77 -1.53 -8.91
N ARG B 215 11.16 -0.35 -8.84
CA ARG B 215 11.90 0.86 -8.50
C ARG B 215 12.40 0.74 -7.08
N LYS B 216 11.66 0.06 -6.21
CA LYS B 216 12.08 -0.07 -4.82
C LYS B 216 13.19 -1.10 -4.71
N VAL B 217 12.96 -2.25 -5.31
CA VAL B 217 13.98 -3.27 -5.44
C VAL B 217 15.27 -2.63 -5.92
N ASN B 218 15.21 -1.82 -6.99
CA ASN B 218 16.41 -1.21 -7.61
C ASN B 218 17.09 -0.02 -6.90
N LYS B 219 16.33 0.78 -6.14
CA LYS B 219 16.89 1.86 -5.33
C LYS B 219 17.59 1.27 -4.12
N CYS B 220 17.20 0.07 -3.75
CA CYS B 220 17.89 -0.63 -2.69
C CYS B 220 19.15 -1.38 -3.19
N TYR B 221 19.12 -1.88 -4.42
CA TYR B 221 20.29 -2.56 -5.00
C TYR B 221 21.50 -1.62 -5.28
N ARG B 222 21.26 -0.38 -5.70
CA ARG B 222 22.35 0.59 -5.99
C ARG B 222 23.51 0.02 -6.82
N GLY B 223 23.18 -0.77 -7.84
CA GLY B 223 24.16 -1.43 -8.73
C GLY B 223 25.40 -1.99 -8.04
N ARG B 224 25.23 -2.98 -7.17
CA ARG B 224 26.32 -3.40 -6.27
C ARG B 224 26.93 -4.78 -6.56
N SER B 225 27.56 -4.93 -7.72
CA SER B 225 28.38 -6.15 -8.04
C SER B 225 27.60 -7.47 -7.94
N CYS B 226 27.28 -7.88 -6.71
CA CYS B 226 26.65 -9.16 -6.43
C CYS B 226 25.27 -9.26 -7.06
N PRO B 227 24.80 -10.48 -7.34
CA PRO B 227 23.53 -10.68 -8.02
C PRO B 227 22.28 -10.70 -7.14
N ILE B 228 21.19 -10.27 -7.75
CA ILE B 228 19.88 -10.34 -7.16
C ILE B 228 19.40 -11.79 -7.28
N ILE B 229 18.95 -12.35 -6.15
CA ILE B 229 18.34 -13.66 -6.18
C ILE B 229 16.90 -13.32 -6.51
N VAL B 230 16.36 -13.99 -7.51
CA VAL B 230 14.97 -13.78 -7.90
C VAL B 230 14.31 -15.13 -7.85
N HIS B 231 13.18 -15.23 -7.16
CA HIS B 231 12.53 -16.51 -7.15
C HIS B 231 11.00 -16.46 -7.19
N CYS B 232 10.42 -17.59 -7.54
CA CYS B 232 9.00 -17.76 -7.51
C CYS B 232 8.75 -19.17 -7.05
N SER B 233 8.43 -20.00 -8.01
CA SER B 233 7.96 -21.34 -7.74
C SER B 233 8.88 -22.26 -8.54
N ASP B 234 8.66 -22.38 -9.84
CA ASP B 234 9.64 -23.04 -10.71
C ASP B 234 10.89 -22.16 -10.91
N GLY B 235 10.80 -20.87 -10.61
CA GLY B 235 11.92 -19.96 -10.80
C GLY B 235 12.11 -19.60 -12.27
N ALA B 236 11.03 -19.71 -13.05
CA ALA B 236 11.07 -19.59 -14.50
C ALA B 236 10.04 -18.62 -15.06
N GLY B 237 8.77 -18.92 -14.84
CA GLY B 237 7.68 -18.16 -15.46
C GLY B 237 7.70 -16.71 -15.04
N ARG B 238 7.42 -16.49 -13.75
CA ARG B 238 7.35 -15.18 -13.15
C ARG B 238 8.74 -14.55 -12.97
N SER B 239 9.66 -15.33 -12.46
CA SER B 239 11.03 -14.86 -12.29
C SER B 239 11.60 -14.38 -13.62
N GLY B 240 11.48 -15.17 -14.69
CA GLY B 240 12.01 -14.78 -16.00
C GLY B 240 11.25 -13.62 -16.62
N THR B 241 10.01 -13.43 -16.19
CA THR B 241 9.23 -12.28 -16.64
C THR B 241 9.76 -11.03 -15.94
N TYR B 242 9.95 -11.11 -14.63
CA TYR B 242 10.57 -10.00 -13.90
C TYR B 242 11.91 -9.66 -14.50
N VAL B 243 12.77 -10.66 -14.67
CA VAL B 243 14.12 -10.45 -15.21
C VAL B 243 14.08 -9.81 -16.60
N LEU B 244 13.31 -10.39 -17.50
CA LEU B 244 13.18 -9.82 -18.84
C LEU B 244 12.91 -8.33 -18.78
N ILE B 245 12.00 -7.92 -17.90
CA ILE B 245 11.53 -6.53 -17.83
C ILE B 245 12.61 -5.64 -17.26
N ASP B 246 13.21 -6.09 -16.16
CA ASP B 246 14.24 -5.33 -15.51
C ASP B 246 15.43 -5.15 -16.46
N MET B 247 15.76 -6.21 -17.19
CA MET B 247 16.86 -6.18 -18.14
C MET B 247 16.58 -5.24 -19.28
N VAL B 248 15.40 -5.30 -19.85
CA VAL B 248 15.13 -4.44 -20.98
C VAL B 248 15.18 -2.99 -20.51
N LEU B 249 14.53 -2.68 -19.37
CA LEU B 249 14.46 -1.27 -18.90
C LEU B 249 15.82 -0.68 -18.48
N ASN B 250 16.64 -1.51 -17.85
CA ASN B 250 18.00 -1.12 -17.54
C ASN B 250 18.86 -0.82 -18.75
N LYS B 251 18.48 -1.33 -19.94
CA LYS B 251 19.19 -0.96 -21.17
C LYS B 251 18.42 0.09 -21.98
N MET B 252 17.43 0.73 -21.37
CA MET B 252 16.92 2.01 -21.87
C MET B 252 17.65 3.13 -21.11
N ALA B 253 17.96 2.89 -19.84
CA ALA B 253 18.65 3.89 -19.01
C ALA B 253 20.06 4.20 -19.52
N LYS B 254 20.60 3.33 -20.37
CA LYS B 254 21.95 3.50 -20.90
C LYS B 254 22.02 3.80 -22.41
N GLY B 255 20.88 4.00 -23.07
CA GLY B 255 20.86 4.40 -24.48
C GLY B 255 21.06 3.28 -25.48
N LYS B 257 20.37 1.63 -28.24
CA LYS B 257 20.41 2.03 -29.65
C LYS B 257 19.44 1.19 -30.49
N GLU B 258 19.50 -0.14 -30.35
CA GLU B 258 18.53 -1.07 -30.96
C GLU B 258 17.77 -1.79 -29.84
N ILE B 259 16.66 -2.43 -30.16
CA ILE B 259 15.88 -3.17 -29.16
C ILE B 259 15.26 -4.44 -29.74
N ASP B 260 15.41 -5.55 -29.02
CA ASP B 260 14.91 -6.86 -29.44
C ASP B 260 14.65 -7.68 -28.19
N ILE B 261 13.48 -7.47 -27.62
CA ILE B 261 13.12 -8.10 -26.35
C ILE B 261 13.02 -9.62 -26.54
N ALA B 262 12.57 -10.07 -27.71
CA ALA B 262 12.54 -11.51 -28.03
C ALA B 262 13.95 -12.10 -28.03
N ALA B 263 14.90 -11.33 -28.56
CA ALA B 263 16.32 -11.70 -28.50
C ALA B 263 16.80 -11.77 -27.06
N THR B 264 16.32 -10.83 -26.23
CA THR B 264 16.71 -10.80 -24.82
C THR B 264 16.17 -12.02 -24.09
N LEU B 265 14.92 -12.39 -24.36
CA LEU B 265 14.33 -13.59 -23.80
C LEU B 265 15.10 -14.85 -24.23
N GLU B 266 15.56 -14.86 -25.48
CA GLU B 266 16.43 -15.91 -25.96
C GLU B 266 17.71 -16.01 -25.13
N HIS B 267 18.41 -14.88 -24.99
CA HIS B 267 19.57 -14.76 -24.12
C HIS B 267 19.26 -15.27 -22.69
N LEU B 268 18.06 -15.00 -22.16
CA LEU B 268 17.67 -15.57 -20.87
C LEU B 268 17.47 -17.09 -20.98
N ARG B 269 16.77 -17.54 -22.01
CA ARG B 269 16.60 -18.98 -22.21
C ARG B 269 17.89 -19.77 -22.46
N ASP B 270 18.95 -19.12 -22.95
CA ASP B 270 20.28 -19.74 -23.01
C ASP B 270 20.76 -20.12 -21.60
N GLN B 271 20.34 -19.34 -20.63
CA GLN B 271 20.91 -19.39 -19.29
C GLN B 271 20.07 -20.22 -18.33
N ARG B 272 18.77 -20.37 -18.60
CA ARG B 272 17.89 -21.19 -17.77
C ARG B 272 16.62 -21.57 -18.55
N PRO B 273 16.19 -22.84 -18.51
CA PRO B 273 15.04 -23.19 -19.33
C PRO B 273 13.70 -22.62 -18.82
N GLY B 274 12.81 -22.36 -19.77
CA GLY B 274 11.42 -21.94 -19.49
C GLY B 274 11.23 -20.57 -18.87
N MET B 275 12.23 -19.69 -19.02
CA MET B 275 12.11 -18.34 -18.55
C MET B 275 10.95 -17.67 -19.29
N VAL B 276 9.99 -17.11 -18.55
CA VAL B 276 8.74 -16.60 -19.13
C VAL B 276 7.94 -17.79 -19.72
N GLN B 277 6.90 -18.23 -18.97
CA GLN B 277 6.18 -19.49 -19.27
C GLN B 277 5.05 -19.36 -20.29
N THR B 278 4.41 -18.21 -20.28
CA THR B 278 3.15 -17.98 -20.97
C THR B 278 3.32 -16.91 -22.04
N LYS B 279 2.49 -16.96 -23.08
CA LYS B 279 2.45 -15.89 -24.06
C LYS B 279 1.88 -14.66 -23.38
N GLU B 280 0.85 -14.87 -22.56
CA GLU B 280 0.33 -13.84 -21.66
C GLU B 280 1.43 -13.11 -20.84
N GLN B 281 2.44 -13.86 -20.41
CA GLN B 281 3.54 -13.31 -19.60
C GLN B 281 4.46 -12.50 -20.49
N PHE B 282 4.79 -13.05 -21.65
CA PHE B 282 5.55 -12.31 -22.66
C PHE B 282 4.86 -10.96 -22.93
N GLU B 283 3.57 -11.06 -23.27
CA GLU B 283 2.76 -9.88 -23.58
C GLU B 283 2.74 -8.93 -22.40
N PHE B 284 2.74 -9.46 -21.18
CA PHE B 284 2.77 -8.60 -20.00
C PHE B 284 4.09 -7.87 -19.86
N ALA B 285 5.18 -8.46 -20.33
CA ALA B 285 6.51 -7.85 -20.11
C ALA B 285 6.72 -6.70 -21.08
N LEU B 286 6.24 -6.88 -22.31
CA LEU B 286 6.24 -5.81 -23.28
C LEU B 286 5.36 -4.67 -22.78
N THR B 287 4.18 -5.03 -22.30
CA THR B 287 3.22 -4.06 -21.78
C THR B 287 3.76 -3.29 -20.56
N ALA B 288 4.60 -3.92 -19.76
CA ALA B 288 5.17 -3.28 -18.59
C ALA B 288 6.25 -2.27 -18.98
N VAL B 289 7.11 -2.67 -19.92
CA VAL B 289 8.18 -1.79 -20.46
C VAL B 289 7.54 -0.57 -21.13
N ALA B 290 6.57 -0.81 -22.00
CA ALA B 290 5.84 0.26 -22.68
C ALA B 290 5.26 1.26 -21.69
N GLU B 291 4.59 0.76 -20.65
CA GLU B 291 3.86 1.63 -19.72
C GLU B 291 4.74 2.38 -18.74
N GLU B 292 6.03 2.09 -18.76
CA GLU B 292 7.02 2.81 -17.97
C GLU B 292 7.66 3.88 -18.86
N VAL B 293 7.85 3.55 -20.14
CA VAL B 293 8.35 4.50 -21.14
C VAL B 293 7.34 5.62 -21.35
N ASN B 294 6.07 5.28 -21.46
CA ASN B 294 5.00 6.28 -21.47
C ASN B 294 5.11 7.20 -20.26
N ALA B 295 5.20 6.61 -19.07
CA ALA B 295 5.28 7.36 -17.81
C ALA B 295 6.51 8.30 -17.75
N ILE B 296 7.63 7.86 -18.32
CA ILE B 296 8.81 8.72 -18.41
C ILE B 296 8.56 9.79 -19.47
N LEU B 297 8.20 9.38 -20.68
CA LEU B 297 7.95 10.33 -21.76
C LEU B 297 6.82 11.31 -21.44
N ALA B 298 5.88 10.90 -20.60
CA ALA B 298 4.76 11.78 -20.22
C ALA B 298 5.19 12.82 -19.19
N HIS B 299 6.25 12.56 -18.42
CA HIS B 299 6.80 13.57 -17.48
C HIS B 299 7.71 14.56 -18.22
#